data_3HTP
#
_entry.id   3HTP
#
_cell.length_a   198.821
_cell.length_b   198.821
_cell.length_c   198.821
_cell.angle_alpha   90.000
_cell.angle_beta   90.000
_cell.angle_gamma   90.000
#
_symmetry.space_group_name_H-M   'I 2 3'
#
loop_
_entity.id
_entity.type
_entity.pdbx_description
1 polymer Hemagglutinin
2 polymer 'Hemagglutinin HA2 chain'
3 branched 2-acetamido-2-deoxy-alpha-D-glucopyranose-(1-4)-2-acetamido-2-deoxy-beta-D-glucopyranose
4 branched 'N-acetyl-alpha-neuraminic acid-(2-3)-beta-D-galactopyranose-(1-3)-2-acetamido-2-deoxy-beta-D-glucopyranose'
5 non-polymer 2-acetamido-2-deoxy-beta-D-glucopyranose
6 water water
#
loop_
_entity_poly.entity_id
_entity_poly.type
_entity_poly.pdbx_seq_one_letter_code
_entity_poly.pdbx_strand_id
1 'polypeptide(L)'
;DTICIGYHANNSTDTVDTVLEKNVTVTHSVNLLEDNHNGKLCKLNGIAPLQLGKCNVAGWLLGNPECDLLLTANSWSYII
ETSNSENGTCYPGEFIDYEELREQLSSVSSFERFEIFPKASSWPNHETTKGVTAACSYFGASSFYRNLLWITKKGTSYPK
LSKSYTNNKGKEVLVLWGVHHPPTTSEQQTLYQNTDAYVSVGSSKYNRRFTPEIAARPKVRGQAGRMNYYWTLLDQGDTI
TFEATGNLIAPWYAFALNKGSDSGIITSDAPVHNCDTKCQTPHGAINSTLPFQNVHPITIGECPKYVKSTKLRMATGLRN
IPSI
;
A
2 'polypeptide(L)'
;GLFGAMAGFIEGGWTGMIDGWYGYHHQNEQGSGYAADQKSTQNAIDGITNKVNSIIEKMNTQFTAVGKEFNNLERRIENL
NKKVDDGFLDVWTYNAELLVLLENERTLDFHDSNVRNLYEKVKSQLRNNAKEIGNGCFEFYHKCDDECMESVKNGTYDYP
;
B
#
# COMPACT_ATOMS: atom_id res chain seq x y z
N ASP A 1 27.19 -52.15 -22.20
CA ASP A 1 27.39 -51.21 -21.04
C ASP A 1 27.54 -49.75 -21.45
N THR A 2 26.62 -48.92 -21.01
CA THR A 2 26.65 -47.50 -21.35
C THR A 2 26.15 -46.60 -20.23
N ILE A 3 26.60 -45.35 -20.26
CA ILE A 3 26.20 -44.37 -19.28
C ILE A 3 25.90 -43.07 -20.02
N CYS A 4 24.85 -42.38 -19.61
CA CYS A 4 24.48 -41.13 -20.23
C CYS A 4 24.24 -40.08 -19.18
N ILE A 5 24.72 -38.88 -19.45
CA ILE A 5 24.52 -37.80 -18.52
C ILE A 5 23.42 -36.95 -19.15
N GLY A 6 22.34 -36.73 -18.40
CA GLY A 6 21.22 -35.96 -18.91
C GLY A 6 20.62 -35.02 -17.88
N TYR A 7 19.39 -34.58 -18.12
CA TYR A 7 18.75 -33.65 -17.20
C TYR A 7 17.28 -33.92 -16.91
N HIS A 8 16.82 -33.39 -15.79
CA HIS A 8 15.45 -33.56 -15.32
C HIS A 8 14.34 -33.07 -16.24
N ALA A 9 13.14 -33.61 -16.01
CA ALA A 9 11.95 -33.26 -16.77
C ALA A 9 10.73 -33.76 -15.98
N ASN A 10 9.62 -33.03 -16.07
CA ASN A 10 8.42 -33.40 -15.36
C ASN A 10 7.17 -32.94 -16.10
N ASN A 11 6.05 -32.98 -15.39
CA ASN A 11 4.76 -32.60 -15.95
C ASN A 11 4.43 -31.14 -15.77
N SER A 12 5.42 -30.32 -15.49
CA SER A 12 5.18 -28.89 -15.30
C SER A 12 4.78 -28.20 -16.59
N THR A 13 3.84 -27.26 -16.48
CA THR A 13 3.42 -26.50 -17.66
C THR A 13 3.64 -25.02 -17.42
N ASP A 14 4.39 -24.70 -16.37
CA ASP A 14 4.70 -23.31 -16.07
C ASP A 14 5.50 -22.82 -17.26
N THR A 15 5.28 -21.58 -17.65
CA THR A 15 6.02 -21.02 -18.76
C THR A 15 6.60 -19.68 -18.36
N VAL A 16 7.79 -19.37 -18.85
CA VAL A 16 8.44 -18.12 -18.55
C VAL A 16 8.86 -17.53 -19.88
N ASP A 17 9.27 -16.28 -19.87
CA ASP A 17 9.71 -15.61 -21.10
C ASP A 17 11.18 -15.25 -20.95
N THR A 18 11.91 -15.31 -22.05
CA THR A 18 13.32 -14.99 -22.04
C THR A 18 13.55 -13.96 -23.14
N VAL A 19 14.68 -13.25 -23.10
CA VAL A 19 14.91 -12.24 -24.12
C VAL A 19 14.90 -12.84 -25.53
N LEU A 20 15.22 -14.12 -25.62
CA LEU A 20 15.28 -14.77 -26.92
C LEU A 20 14.02 -15.51 -27.35
N GLU A 21 13.28 -16.05 -26.40
CA GLU A 21 12.11 -16.79 -26.78
C GLU A 21 10.96 -16.64 -25.79
N LYS A 22 9.75 -16.46 -26.31
CA LYS A 22 8.56 -16.31 -25.49
C LYS A 22 7.99 -17.65 -25.07
N ASN A 23 7.33 -17.67 -23.91
CA ASN A 23 6.70 -18.87 -23.38
C ASN A 23 7.49 -20.16 -23.46
N VAL A 24 8.47 -20.29 -22.58
CA VAL A 24 9.30 -21.48 -22.51
C VAL A 24 8.84 -22.28 -21.30
N THR A 25 8.40 -23.52 -21.54
CA THR A 25 7.94 -24.41 -20.47
C THR A 25 9.12 -24.87 -19.63
N VAL A 26 9.07 -24.62 -18.33
CA VAL A 26 10.16 -25.00 -17.43
C VAL A 26 9.69 -25.98 -16.36
N THR A 27 10.62 -26.70 -15.76
CA THR A 27 10.28 -27.68 -14.75
C THR A 27 9.79 -27.04 -13.45
N HIS A 28 10.41 -25.94 -13.07
CA HIS A 28 10.05 -25.24 -11.83
C HIS A 28 10.26 -23.74 -11.96
N SER A 29 9.26 -22.96 -11.56
CA SER A 29 9.35 -21.51 -11.61
C SER A 29 8.98 -20.89 -10.26
N VAL A 30 9.05 -19.57 -10.19
CA VAL A 30 8.73 -18.81 -8.99
C VAL A 30 8.04 -17.52 -9.44
N ASN A 31 6.97 -17.12 -8.76
CA ASN A 31 6.29 -15.90 -9.12
C ASN A 31 6.84 -14.72 -8.32
N LEU A 32 7.05 -13.60 -8.98
CA LEU A 32 7.57 -12.42 -8.33
C LEU A 32 6.56 -11.29 -8.48
N LEU A 33 5.32 -11.65 -8.79
CA LEU A 33 4.27 -10.66 -8.97
C LEU A 33 3.03 -10.89 -8.12
N GLU A 34 2.90 -10.12 -7.05
CA GLU A 34 1.74 -10.23 -6.17
C GLU A 34 0.53 -9.70 -6.94
N ASP A 35 -0.42 -10.57 -7.26
CA ASP A 35 -1.60 -10.14 -7.99
C ASP A 35 -2.91 -10.61 -7.39
N ASN A 36 -2.92 -10.83 -6.08
CA ASN A 36 -4.15 -11.25 -5.42
C ASN A 36 -4.16 -10.68 -4.02
N HIS A 37 -5.36 -10.28 -3.57
CA HIS A 37 -5.55 -9.69 -2.26
C HIS A 37 -6.61 -10.47 -1.48
N ASN A 38 -6.86 -10.06 -0.24
CA ASN A 38 -7.86 -10.72 0.58
C ASN A 38 -9.16 -9.95 0.66
N GLY A 39 -9.41 -9.08 -0.32
CA GLY A 39 -10.63 -8.29 -0.36
C GLY A 39 -11.16 -7.84 0.99
N LYS A 40 -10.26 -7.55 1.91
CA LYS A 40 -10.61 -7.10 3.26
C LYS A 40 -9.74 -5.94 3.72
N LEU A 41 -10.34 -5.00 4.45
CA LEU A 41 -9.59 -3.88 4.97
C LEU A 41 -9.04 -4.35 6.30
N CYS A 42 -7.74 -4.63 6.35
CA CYS A 42 -7.13 -5.13 7.58
C CYS A 42 -6.50 -4.06 8.44
N LYS A 43 -5.87 -4.51 9.51
CA LYS A 43 -5.20 -3.62 10.44
C LYS A 43 -3.79 -3.44 9.88
N LEU A 44 -3.32 -2.19 9.81
CA LEU A 44 -2.00 -1.89 9.30
C LEU A 44 -0.97 -1.85 10.43
N ASN A 45 -0.28 -2.97 10.64
CA ASN A 45 0.75 -3.08 11.68
C ASN A 45 0.25 -3.01 13.12
N GLY A 46 -0.54 -4.00 13.52
CA GLY A 46 -1.06 -4.03 14.88
C GLY A 46 -2.32 -3.21 15.12
N ILE A 47 -2.26 -1.91 14.80
CA ILE A 47 -3.37 -0.97 14.99
C ILE A 47 -4.41 -1.01 13.86
N ALA A 48 -5.69 -1.00 14.23
CA ALA A 48 -6.78 -1.04 13.25
C ALA A 48 -7.05 0.34 12.65
N PRO A 49 -7.79 0.39 11.53
CA PRO A 49 -8.10 1.66 10.88
C PRO A 49 -9.30 2.31 11.52
N LEU A 50 -9.71 3.46 10.97
CA LEU A 50 -10.87 4.19 11.47
C LEU A 50 -11.93 4.20 10.37
N GLN A 51 -13.09 3.63 10.66
CA GLN A 51 -14.18 3.57 9.69
C GLN A 51 -15.05 4.81 9.86
N LEU A 52 -15.53 5.37 8.76
CA LEU A 52 -16.37 6.56 8.85
C LEU A 52 -17.74 6.28 8.23
N GLY A 53 -17.79 5.26 7.38
CA GLY A 53 -19.04 4.89 6.76
C GLY A 53 -19.76 5.99 6.03
N LYS A 54 -20.94 6.35 6.52
CA LYS A 54 -21.75 7.39 5.90
C LYS A 54 -21.13 8.77 6.07
N CYS A 55 -20.30 8.92 7.08
CA CYS A 55 -19.64 10.18 7.34
C CYS A 55 -18.29 10.25 6.65
N ASN A 56 -17.78 11.45 6.46
CA ASN A 56 -16.49 11.64 5.82
C ASN A 56 -15.65 12.40 6.85
N VAL A 57 -14.39 12.65 6.55
CA VAL A 57 -13.52 13.31 7.51
C VAL A 57 -14.05 14.62 8.09
N ALA A 58 -14.51 15.53 7.23
CA ALA A 58 -15.03 16.81 7.70
C ALA A 58 -16.24 16.61 8.61
N GLY A 59 -17.10 15.66 8.23
CA GLY A 59 -18.28 15.38 9.03
C GLY A 59 -17.92 14.81 10.38
N TRP A 60 -16.95 13.89 10.40
CA TRP A 60 -16.53 13.28 11.63
C TRP A 60 -16.00 14.30 12.63
N LEU A 61 -15.01 15.09 12.21
CA LEU A 61 -14.38 16.08 13.08
C LEU A 61 -15.26 17.25 13.51
N LEU A 62 -16.09 17.74 12.59
CA LEU A 62 -16.97 18.86 12.90
C LEU A 62 -18.07 18.51 13.89
N GLY A 63 -18.48 17.25 13.90
CA GLY A 63 -19.54 16.85 14.80
C GLY A 63 -20.89 16.77 14.12
N ASN A 64 -20.89 16.47 12.84
CA ASN A 64 -22.14 16.34 12.10
C ASN A 64 -23.05 15.39 12.88
N PRO A 65 -24.37 15.66 12.88
CA PRO A 65 -25.37 14.84 13.59
C PRO A 65 -25.43 13.37 13.17
N GLU A 66 -25.14 13.11 11.91
CA GLU A 66 -25.18 11.74 11.40
C GLU A 66 -23.93 10.94 11.76
N CYS A 67 -22.99 11.54 12.48
CA CYS A 67 -21.77 10.85 12.83
C CYS A 67 -21.63 10.55 14.33
N ASP A 68 -22.75 10.23 14.97
CA ASP A 68 -22.73 9.94 16.41
C ASP A 68 -21.80 8.80 16.83
N LEU A 69 -21.72 7.76 16.01
CA LEU A 69 -20.87 6.60 16.32
C LEU A 69 -19.38 6.93 16.30
N LEU A 70 -19.00 7.92 15.51
CA LEU A 70 -17.62 8.33 15.39
C LEU A 70 -17.13 9.17 16.56
N LEU A 71 -17.99 9.39 17.55
CA LEU A 71 -17.63 10.19 18.71
C LEU A 71 -16.72 9.48 19.71
N THR A 72 -16.44 8.20 19.46
CA THR A 72 -15.58 7.41 20.34
C THR A 72 -14.20 7.22 19.73
N ALA A 73 -14.11 7.39 18.41
CA ALA A 73 -12.87 7.27 17.65
C ALA A 73 -11.63 7.21 18.53
N ASN A 74 -10.88 6.11 18.45
CA ASN A 74 -9.67 5.99 19.26
C ASN A 74 -8.54 5.18 18.62
N SER A 75 -7.35 5.76 18.61
CA SER A 75 -6.14 5.13 18.06
C SER A 75 -6.00 5.18 16.54
N TRP A 76 -6.44 4.13 15.86
CA TRP A 76 -6.37 4.01 14.39
C TRP A 76 -5.03 4.29 13.65
N SER A 77 -4.79 3.53 12.59
CA SER A 77 -3.57 3.61 11.77
C SER A 77 -3.76 4.26 10.39
N TYR A 78 -5.01 4.26 9.91
CA TYR A 78 -5.36 4.87 8.64
C TYR A 78 -6.87 5.03 8.64
N ILE A 79 -7.38 6.00 7.90
CA ILE A 79 -8.81 6.27 7.86
C ILE A 79 -9.49 5.65 6.65
N ILE A 80 -10.74 5.22 6.80
CA ILE A 80 -11.49 4.60 5.72
C ILE A 80 -12.79 5.29 5.35
N GLU A 81 -12.86 5.90 4.18
CA GLU A 81 -14.10 6.51 3.73
C GLU A 81 -14.70 5.49 2.76
N THR A 82 -16.02 5.54 2.58
CA THR A 82 -16.71 4.62 1.67
C THR A 82 -17.44 5.40 0.60
N SER A 83 -18.03 4.72 -0.36
CA SER A 83 -18.75 5.40 -1.41
C SER A 83 -20.01 6.06 -0.87
N ASN A 84 -20.20 5.93 0.43
CA ASN A 84 -21.37 6.52 1.08
C ASN A 84 -20.96 7.65 2.01
N SER A 85 -19.65 7.87 2.14
CA SER A 85 -19.14 8.93 2.99
C SER A 85 -19.61 10.27 2.43
N GLU A 86 -20.82 10.68 2.81
CA GLU A 86 -21.37 11.93 2.32
C GLU A 86 -21.84 12.90 3.39
N ASN A 87 -22.01 12.44 4.62
CA ASN A 87 -22.43 13.34 5.68
C ASN A 87 -21.20 14.08 6.20
N GLY A 88 -21.02 15.31 5.73
CA GLY A 88 -19.87 16.10 6.15
C GLY A 88 -20.29 17.44 6.70
N THR A 89 -19.98 18.51 5.99
CA THR A 89 -20.37 19.84 6.44
C THR A 89 -21.81 20.08 6.04
N CYS A 90 -22.74 19.48 6.79
CA CYS A 90 -24.17 19.63 6.53
C CYS A 90 -24.55 21.09 6.28
N TYR A 91 -23.80 22.02 6.87
CA TYR A 91 -24.09 23.42 6.65
C TYR A 91 -23.04 23.95 5.68
N PRO A 92 -23.46 24.40 4.48
CA PRO A 92 -22.61 24.93 3.43
C PRO A 92 -21.53 25.91 3.83
N GLY A 93 -20.39 25.79 3.16
CA GLY A 93 -19.25 26.64 3.40
C GLY A 93 -17.97 25.97 2.94
N GLU A 94 -16.83 26.59 3.22
CA GLU A 94 -15.55 26.04 2.82
C GLU A 94 -14.72 25.65 4.04
N PHE A 95 -14.20 24.41 4.01
CA PHE A 95 -13.37 23.89 5.08
C PHE A 95 -11.91 24.21 4.73
N ILE A 96 -11.40 25.31 5.27
CA ILE A 96 -10.03 25.74 4.99
C ILE A 96 -8.99 24.65 5.22
N ASP A 97 -8.08 24.49 4.26
CA ASP A 97 -7.01 23.50 4.33
C ASP A 97 -7.53 22.11 4.73
N TYR A 98 -8.63 21.71 4.11
CA TYR A 98 -9.22 20.43 4.42
C TYR A 98 -8.30 19.27 4.09
N GLU A 99 -7.86 19.20 2.83
CA GLU A 99 -6.98 18.13 2.40
C GLU A 99 -5.80 18.03 3.36
N GLU A 100 -5.25 19.19 3.70
CA GLU A 100 -4.12 19.25 4.60
C GLU A 100 -4.47 18.61 5.95
N LEU A 101 -5.59 18.98 6.56
CA LEU A 101 -5.96 18.38 7.83
C LEU A 101 -6.17 16.88 7.66
N ARG A 102 -6.81 16.50 6.56
CA ARG A 102 -7.05 15.08 6.30
C ARG A 102 -5.74 14.29 6.35
N GLU A 103 -4.74 14.78 5.64
CA GLU A 103 -3.46 14.10 5.62
C GLU A 103 -2.76 14.08 6.96
N GLN A 104 -2.77 15.21 7.67
CA GLN A 104 -2.11 15.29 8.95
C GLN A 104 -2.73 14.41 10.04
N LEU A 105 -3.98 14.01 9.86
CA LEU A 105 -4.66 13.20 10.85
C LEU A 105 -4.86 11.76 10.41
N SER A 106 -4.15 11.34 9.37
CA SER A 106 -4.30 9.99 8.87
C SER A 106 -3.96 8.93 9.90
N SER A 107 -2.86 9.14 10.63
CA SER A 107 -2.42 8.21 11.66
C SER A 107 -2.24 8.93 13.00
N VAL A 108 -3.01 8.49 13.98
CA VAL A 108 -2.97 9.05 15.32
C VAL A 108 -2.72 7.91 16.30
N SER A 109 -2.02 8.20 17.39
CA SER A 109 -1.72 7.20 18.41
C SER A 109 -2.67 7.32 19.59
N SER A 110 -2.74 8.55 20.12
CA SER A 110 -3.59 8.89 21.24
C SER A 110 -4.50 10.00 20.71
N PHE A 111 -5.78 9.97 21.08
CA PHE A 111 -6.73 10.99 20.59
C PHE A 111 -7.93 10.99 21.50
N GLU A 112 -8.04 12.04 22.30
CA GLU A 112 -9.15 12.20 23.23
C GLU A 112 -10.01 13.38 22.82
N ARG A 113 -11.33 13.25 22.95
CA ARG A 113 -12.22 14.36 22.63
C ARG A 113 -12.69 14.99 23.92
N PHE A 114 -12.25 16.22 24.18
CA PHE A 114 -12.66 16.90 25.40
C PHE A 114 -13.47 18.15 25.09
N GLU A 115 -14.13 18.69 26.11
CA GLU A 115 -14.94 19.89 25.97
C GLU A 115 -14.09 21.12 26.29
N ILE A 116 -13.58 21.76 25.25
CA ILE A 116 -12.72 22.94 25.42
C ILE A 116 -13.44 24.18 25.92
N PHE A 117 -14.62 24.44 25.37
CA PHE A 117 -15.41 25.59 25.77
C PHE A 117 -16.80 25.06 26.05
N PRO A 118 -17.09 24.70 27.32
CA PRO A 118 -18.40 24.18 27.70
C PRO A 118 -19.55 25.11 27.39
N LYS A 119 -20.49 24.61 26.59
CA LYS A 119 -21.67 25.32 26.16
C LYS A 119 -22.34 25.99 27.34
N ALA A 120 -22.90 25.18 28.22
CA ALA A 120 -23.58 25.67 29.41
C ALA A 120 -22.51 26.07 30.40
N SER A 121 -22.07 27.33 30.34
CA SER A 121 -21.02 27.83 31.23
C SER A 121 -20.35 29.05 30.63
N SER A 122 -19.75 28.83 29.47
CA SER A 122 -19.06 29.89 28.74
C SER A 122 -20.11 30.69 27.99
N TRP A 123 -19.68 31.70 27.24
CA TRP A 123 -20.60 32.50 26.45
C TRP A 123 -21.72 33.15 27.24
N PRO A 124 -21.37 33.93 28.28
CA PRO A 124 -22.43 34.58 29.05
C PRO A 124 -22.79 35.85 28.28
N ASN A 125 -24.01 36.33 28.45
CA ASN A 125 -24.43 37.54 27.75
C ASN A 125 -24.63 37.23 26.26
N HIS A 126 -24.64 35.94 25.92
CA HIS A 126 -24.81 35.51 24.53
C HIS A 126 -25.77 34.34 24.41
N GLU A 127 -26.47 34.28 23.29
CA GLU A 127 -27.45 33.22 23.06
C GLU A 127 -26.75 31.95 22.58
N THR A 128 -26.98 30.85 23.29
CA THR A 128 -26.36 29.58 22.94
C THR A 128 -27.36 28.46 22.78
N THR A 129 -28.64 28.80 22.64
CA THR A 129 -29.67 27.77 22.49
C THR A 129 -30.42 27.77 21.16
N LYS A 130 -30.27 28.83 20.39
CA LYS A 130 -30.96 28.92 19.10
C LYS A 130 -30.08 28.46 17.94
N GLY A 131 -28.80 28.26 18.23
CA GLY A 131 -27.84 27.84 17.22
C GLY A 131 -28.08 26.50 16.54
N VAL A 132 -29.19 26.40 15.83
CA VAL A 132 -29.54 25.18 15.14
C VAL A 132 -29.99 25.49 13.71
N THR A 133 -29.81 24.53 12.81
CA THR A 133 -30.19 24.73 11.43
C THR A 133 -30.88 23.50 10.86
N ALA A 134 -31.74 23.71 9.87
CA ALA A 134 -32.45 22.60 9.25
C ALA A 134 -31.51 21.85 8.32
N ALA A 135 -30.37 22.46 8.02
CA ALA A 135 -29.40 21.84 7.15
C ALA A 135 -28.79 20.64 7.88
N CYS A 136 -28.61 20.79 9.18
CA CYS A 136 -28.04 19.72 9.98
C CYS A 136 -29.10 19.09 10.84
N SER A 137 -30.09 18.49 10.18
CA SER A 137 -31.22 17.86 10.84
C SER A 137 -30.96 16.49 11.46
N TYR A 138 -31.23 16.39 12.76
CA TYR A 138 -31.05 15.15 13.51
C TYR A 138 -32.41 14.54 13.78
N PHE A 139 -32.74 13.48 13.03
CA PHE A 139 -34.02 12.81 13.19
C PHE A 139 -35.16 13.80 12.96
N GLY A 140 -35.19 14.36 11.75
CA GLY A 140 -36.24 15.31 11.39
C GLY A 140 -36.08 16.67 12.03
N ALA A 141 -35.68 16.69 13.30
CA ALA A 141 -35.49 17.93 14.02
C ALA A 141 -34.26 18.69 13.54
N SER A 142 -34.31 20.01 13.65
CA SER A 142 -33.17 20.84 13.26
C SER A 142 -32.09 20.73 14.32
N SER A 143 -30.85 20.50 13.91
CA SER A 143 -29.74 20.38 14.85
C SER A 143 -28.53 21.17 14.36
N PHE A 144 -27.35 20.74 14.76
CA PHE A 144 -26.11 21.40 14.38
C PHE A 144 -24.96 20.50 14.78
N TYR A 145 -23.76 20.84 14.34
CA TYR A 145 -22.57 20.05 14.65
C TYR A 145 -22.47 19.87 16.16
N ARG A 146 -21.80 18.81 16.59
CA ARG A 146 -21.67 18.55 18.02
C ARG A 146 -20.38 19.04 18.66
N ASN A 147 -19.42 19.48 17.86
CA ASN A 147 -18.17 19.96 18.42
C ASN A 147 -18.06 21.48 18.37
N LEU A 148 -18.92 22.09 17.56
CA LEU A 148 -18.95 23.54 17.42
C LEU A 148 -20.25 24.06 18.05
N LEU A 149 -20.28 25.34 18.42
CA LEU A 149 -21.47 25.93 19.04
C LEU A 149 -21.80 27.26 18.36
N TRP A 150 -23.02 27.36 17.84
CA TRP A 150 -23.46 28.56 17.13
C TRP A 150 -23.95 29.68 18.06
N ILE A 151 -23.04 30.56 18.45
CA ILE A 151 -23.38 31.66 19.33
C ILE A 151 -24.08 32.77 18.56
N THR A 152 -25.24 33.16 19.04
CA THR A 152 -25.99 34.23 18.39
C THR A 152 -26.20 35.40 19.35
N LYS A 153 -27.05 36.33 18.94
CA LYS A 153 -27.34 37.52 19.71
C LYS A 153 -28.24 37.28 20.92
N LYS A 154 -27.92 37.96 22.02
CA LYS A 154 -28.65 37.87 23.28
C LYS A 154 -29.77 38.92 23.26
N GLY A 155 -30.98 38.47 22.94
CA GLY A 155 -32.10 39.39 22.87
C GLY A 155 -31.88 40.38 21.72
N THR A 156 -31.43 41.58 22.06
CA THR A 156 -31.18 42.60 21.06
C THR A 156 -29.79 43.16 21.30
N SER A 157 -28.94 42.36 21.95
CA SER A 157 -27.58 42.77 22.23
C SER A 157 -26.55 41.65 22.15
N TYR A 158 -25.58 41.82 21.25
CA TYR A 158 -24.52 40.86 21.09
C TYR A 158 -23.25 41.63 21.39
N PRO A 159 -22.80 41.58 22.65
CA PRO A 159 -21.59 42.24 23.15
C PRO A 159 -20.32 41.48 22.78
N LYS A 160 -19.17 42.11 22.97
CA LYS A 160 -17.92 41.44 22.65
C LYS A 160 -17.61 40.26 23.58
N LEU A 161 -17.38 39.09 23.01
CA LEU A 161 -17.03 37.92 23.80
C LEU A 161 -15.52 37.74 23.64
N SER A 162 -14.86 37.17 24.64
CA SER A 162 -13.43 36.97 24.56
C SER A 162 -12.96 35.93 25.55
N LYS A 163 -12.96 34.67 25.12
CA LYS A 163 -12.56 33.54 25.95
C LYS A 163 -11.29 32.90 25.38
N SER A 164 -10.48 32.27 26.22
CA SER A 164 -9.26 31.62 25.74
C SER A 164 -8.95 30.32 26.47
N TYR A 165 -8.47 29.34 25.70
CA TYR A 165 -8.10 28.02 26.22
C TYR A 165 -6.60 27.81 26.17
N THR A 166 -6.02 27.26 27.22
CA THR A 166 -4.59 27.00 27.19
C THR A 166 -4.30 25.52 27.36
N ASN A 167 -3.64 24.98 26.33
CA ASN A 167 -3.28 23.57 26.23
C ASN A 167 -2.37 23.05 27.32
N ASN A 168 -2.96 22.33 28.27
CA ASN A 168 -2.22 21.71 29.36
C ASN A 168 -2.49 20.21 29.28
N LYS A 169 -2.81 19.73 28.09
CA LYS A 169 -3.09 18.32 27.86
C LYS A 169 -1.82 17.48 27.68
N GLY A 170 -0.67 18.14 27.62
CA GLY A 170 0.58 17.42 27.45
C GLY A 170 0.66 16.75 26.09
N LYS A 171 0.09 17.40 25.08
CA LYS A 171 0.10 16.89 23.70
C LYS A 171 -0.70 17.86 22.84
N GLU A 172 -0.51 17.82 21.53
CA GLU A 172 -1.23 18.72 20.65
C GLU A 172 -2.73 18.67 20.88
N VAL A 173 -3.40 19.74 20.48
CA VAL A 173 -4.84 19.84 20.59
C VAL A 173 -5.38 20.43 19.29
N LEU A 174 -6.26 19.69 18.63
CA LEU A 174 -6.87 20.13 17.39
C LEU A 174 -8.04 21.02 17.79
N VAL A 175 -7.98 22.29 17.42
CA VAL A 175 -9.06 23.21 17.76
C VAL A 175 -9.76 23.58 16.46
N LEU A 176 -11.02 23.18 16.32
CA LEU A 176 -11.78 23.49 15.11
C LEU A 176 -12.79 24.58 15.43
N TRP A 177 -13.05 25.46 14.46
CA TRP A 177 -14.03 26.50 14.64
C TRP A 177 -14.60 26.96 13.31
N GLY A 178 -15.49 27.95 13.36
CA GLY A 178 -16.07 28.43 12.13
C GLY A 178 -16.43 29.90 12.16
N VAL A 179 -16.58 30.47 10.99
CA VAL A 179 -16.96 31.85 10.85
C VAL A 179 -18.15 31.82 9.92
N HIS A 180 -19.28 32.37 10.38
CA HIS A 180 -20.50 32.37 9.58
C HIS A 180 -20.60 33.60 8.69
N HIS A 181 -21.07 33.37 7.46
CA HIS A 181 -21.21 34.42 6.47
C HIS A 181 -22.61 34.56 5.92
N PRO A 182 -23.38 35.52 6.47
CA PRO A 182 -24.76 35.74 6.03
C PRO A 182 -24.79 36.21 4.57
N PRO A 183 -25.92 36.01 3.89
CA PRO A 183 -25.97 36.46 2.50
C PRO A 183 -26.20 37.97 2.43
N THR A 184 -27.04 38.46 3.34
CA THR A 184 -27.44 39.86 3.44
C THR A 184 -26.72 40.62 4.57
N THR A 185 -26.81 41.95 4.53
CA THR A 185 -26.23 42.78 5.57
C THR A 185 -27.35 43.03 6.56
N SER A 186 -28.51 42.45 6.26
CA SER A 186 -29.68 42.56 7.11
C SER A 186 -29.66 41.42 8.10
N GLU A 187 -29.23 40.24 7.63
CA GLU A 187 -29.16 39.07 8.49
C GLU A 187 -27.99 39.21 9.46
N GLN A 188 -26.91 39.83 8.99
CA GLN A 188 -25.74 40.05 9.81
C GLN A 188 -26.11 40.70 11.13
N GLN A 189 -27.17 41.50 11.11
CA GLN A 189 -27.61 42.18 12.32
C GLN A 189 -28.69 41.41 13.08
N THR A 190 -29.63 40.85 12.35
CA THR A 190 -30.69 40.11 13.02
C THR A 190 -30.08 38.97 13.85
N LEU A 191 -28.83 38.61 13.55
CA LEU A 191 -28.15 37.52 14.25
C LEU A 191 -27.00 37.90 15.15
N TYR A 192 -26.17 38.85 14.72
CA TYR A 192 -25.03 39.27 15.53
C TYR A 192 -25.04 40.77 15.76
N GLN A 193 -26.21 41.41 15.57
CA GLN A 193 -26.33 42.84 15.77
C GLN A 193 -25.25 43.61 15.02
N ASN A 194 -24.16 43.88 15.72
CA ASN A 194 -23.02 44.61 15.16
C ASN A 194 -22.81 44.29 13.67
N THR A 195 -23.04 45.27 12.81
CA THR A 195 -22.89 45.06 11.38
C THR A 195 -21.43 44.89 11.00
N ASP A 196 -20.56 45.61 11.69
CA ASP A 196 -19.13 45.54 11.40
C ASP A 196 -18.44 44.50 12.29
N ALA A 197 -19.17 43.42 12.59
CA ALA A 197 -18.66 42.34 13.44
C ALA A 197 -17.32 41.82 12.94
N TYR A 198 -16.66 41.04 13.78
CA TYR A 198 -15.37 40.44 13.42
C TYR A 198 -15.11 39.27 14.36
N VAL A 199 -14.08 38.49 14.04
CA VAL A 199 -13.70 37.35 14.85
C VAL A 199 -12.18 37.31 14.78
N SER A 200 -11.53 36.94 15.86
CA SER A 200 -10.08 36.90 15.85
C SER A 200 -9.56 35.78 16.70
N VAL A 201 -8.65 35.00 16.13
CA VAL A 201 -8.05 33.88 16.82
C VAL A 201 -6.56 34.15 17.05
N GLY A 202 -6.16 34.21 18.31
CA GLY A 202 -4.78 34.45 18.63
C GLY A 202 -4.10 33.24 19.22
N SER A 203 -2.78 33.15 19.00
CA SER A 203 -1.95 32.06 19.50
C SER A 203 -0.52 32.46 19.26
N SER A 204 0.42 31.78 19.90
CA SER A 204 1.82 32.11 19.68
C SER A 204 2.22 31.54 18.32
N LYS A 205 1.22 31.23 17.52
CA LYS A 205 1.44 30.65 16.19
C LYS A 205 0.17 30.79 15.34
N TYR A 206 -0.51 31.93 15.44
CA TYR A 206 -1.73 32.13 14.66
C TYR A 206 -2.21 33.54 14.98
N ASN A 207 -2.68 34.27 13.97
CA ASN A 207 -3.14 35.62 14.26
C ASN A 207 -4.16 36.17 13.29
N ARG A 208 -4.70 35.33 12.41
CA ARG A 208 -5.67 35.85 11.46
C ARG A 208 -6.90 36.42 12.16
N ARG A 209 -7.45 37.50 11.61
CA ARG A 209 -8.63 38.15 12.16
C ARG A 209 -9.69 38.27 11.08
N PHE A 210 -10.79 37.53 11.22
CA PHE A 210 -11.84 37.55 10.22
C PHE A 210 -12.94 38.56 10.44
N THR A 211 -13.68 38.79 9.35
CA THR A 211 -14.82 39.69 9.30
C THR A 211 -15.80 38.95 8.42
N PRO A 212 -17.10 39.15 8.64
CA PRO A 212 -18.08 38.45 7.82
C PRO A 212 -18.11 38.98 6.39
N GLU A 213 -18.18 38.07 5.43
CA GLU A 213 -18.24 38.45 4.02
C GLU A 213 -19.64 38.25 3.47
N ILE A 214 -20.53 39.19 3.75
CA ILE A 214 -21.90 39.12 3.26
C ILE A 214 -21.88 39.30 1.74
N ALA A 215 -22.70 38.51 1.04
CA ALA A 215 -22.79 38.54 -0.42
C ALA A 215 -23.91 37.61 -0.85
N ALA A 216 -24.68 38.03 -1.86
CA ALA A 216 -25.79 37.22 -2.35
C ALA A 216 -25.21 35.98 -3.02
N ARG A 217 -25.77 34.82 -2.70
CA ARG A 217 -25.26 33.58 -3.27
C ARG A 217 -26.29 32.45 -3.20
N PRO A 218 -26.21 31.49 -4.13
CA PRO A 218 -27.12 30.36 -4.20
C PRO A 218 -27.29 29.56 -2.93
N LYS A 219 -28.53 29.14 -2.69
CA LYS A 219 -28.83 28.36 -1.52
C LYS A 219 -28.27 26.96 -1.71
N VAL A 220 -27.59 26.43 -0.69
CA VAL A 220 -27.05 25.10 -0.78
C VAL A 220 -27.65 24.24 0.30
N ARG A 221 -28.12 23.08 -0.13
CA ARG A 221 -28.80 22.10 0.72
C ARG A 221 -29.65 22.80 1.79
N GLY A 222 -30.11 24.00 1.47
CA GLY A 222 -30.94 24.72 2.41
C GLY A 222 -30.67 26.19 2.52
N GLN A 223 -29.53 26.55 3.09
CA GLN A 223 -29.23 27.96 3.30
C GLN A 223 -28.43 28.68 2.23
N ALA A 224 -28.65 30.00 2.19
CA ALA A 224 -27.94 30.88 1.28
C ALA A 224 -26.75 31.41 2.07
N GLY A 225 -26.71 31.03 3.35
CA GLY A 225 -25.62 31.43 4.22
C GLY A 225 -24.43 30.53 3.98
N ARG A 226 -23.32 30.83 4.62
CA ARG A 226 -22.12 30.04 4.43
C ARG A 226 -21.28 30.01 5.70
N MET A 227 -20.66 28.86 5.97
CA MET A 227 -19.81 28.73 7.14
C MET A 227 -18.43 28.16 6.80
N ASN A 228 -17.40 28.98 6.94
CA ASN A 228 -16.04 28.51 6.69
C ASN A 228 -15.52 27.83 7.94
N TYR A 229 -14.97 26.63 7.79
CA TYR A 229 -14.46 25.93 8.95
C TYR A 229 -12.94 26.06 9.00
N TYR A 230 -12.43 26.36 10.18
CA TYR A 230 -11.00 26.51 10.39
C TYR A 230 -10.52 25.57 11.46
N TRP A 231 -9.22 25.30 11.45
CA TRP A 231 -8.61 24.43 12.44
C TRP A 231 -7.20 24.92 12.68
N THR A 232 -6.55 24.36 13.69
CA THR A 232 -5.16 24.66 14.04
C THR A 232 -4.74 23.71 15.15
N LEU A 233 -3.46 23.38 15.17
CA LEU A 233 -2.92 22.49 16.20
C LEU A 233 -2.21 23.35 17.23
N LEU A 234 -2.81 23.42 18.42
CA LEU A 234 -2.28 24.21 19.53
C LEU A 234 -1.23 23.42 20.29
N ASP A 235 0.01 23.91 20.25
CA ASP A 235 1.12 23.23 20.92
C ASP A 235 0.94 23.18 22.43
N GLN A 236 1.65 22.25 23.07
CA GLN A 236 1.60 22.13 24.52
C GLN A 236 1.98 23.47 25.15
N GLY A 237 1.27 23.85 26.19
CA GLY A 237 1.58 25.09 26.87
C GLY A 237 1.19 26.37 26.17
N ASP A 238 0.83 26.30 24.89
CA ASP A 238 0.45 27.50 24.19
C ASP A 238 -0.99 27.81 24.55
N THR A 239 -1.40 29.06 24.34
CA THR A 239 -2.74 29.50 24.67
C THR A 239 -3.44 30.13 23.45
N ILE A 240 -4.56 29.56 23.04
CA ILE A 240 -5.30 30.12 21.92
C ILE A 240 -6.34 31.04 22.52
N THR A 241 -6.60 32.17 21.87
CA THR A 241 -7.58 33.14 22.39
C THR A 241 -8.61 33.51 21.34
N PHE A 242 -9.89 33.39 21.67
CA PHE A 242 -10.95 33.75 20.74
C PHE A 242 -11.64 34.99 21.29
N GLU A 243 -12.05 35.88 20.40
CA GLU A 243 -12.79 37.08 20.78
C GLU A 243 -13.51 37.52 19.51
N ALA A 244 -14.78 37.92 19.64
CA ALA A 244 -15.53 38.30 18.47
C ALA A 244 -16.80 39.06 18.78
N THR A 245 -17.13 40.02 17.92
CA THR A 245 -18.33 40.83 18.07
C THR A 245 -19.47 40.20 17.29
N GLY A 246 -19.24 38.99 16.78
CA GLY A 246 -20.27 38.29 16.02
C GLY A 246 -19.74 37.35 14.96
N ASN A 247 -20.62 36.51 14.42
CA ASN A 247 -20.28 35.59 13.36
C ASN A 247 -19.35 34.44 13.72
N LEU A 248 -19.05 34.25 15.00
CA LEU A 248 -18.17 33.16 15.39
C LEU A 248 -18.93 31.89 15.73
N ILE A 249 -18.50 30.77 15.14
CA ILE A 249 -19.08 29.46 15.42
C ILE A 249 -18.01 28.86 16.31
N ALA A 250 -18.06 29.23 17.58
CA ALA A 250 -17.09 28.82 18.59
C ALA A 250 -16.84 27.34 18.82
N PRO A 251 -15.61 27.00 19.23
CA PRO A 251 -15.31 25.60 19.47
C PRO A 251 -16.08 25.20 20.71
N TRP A 252 -16.63 23.99 20.70
CA TRP A 252 -17.33 23.46 21.86
C TRP A 252 -16.47 22.31 22.38
N TYR A 253 -16.17 21.37 21.48
CA TYR A 253 -15.30 20.23 21.79
C TYR A 253 -14.05 20.28 20.91
N ALA A 254 -12.92 19.89 21.47
CA ALA A 254 -11.67 19.86 20.74
C ALA A 254 -11.09 18.48 20.95
N PHE A 255 -9.96 18.17 20.31
CA PHE A 255 -9.35 16.86 20.46
C PHE A 255 -7.91 16.95 20.92
N ALA A 256 -7.56 16.17 21.95
CA ALA A 256 -6.21 16.13 22.47
C ALA A 256 -5.55 14.92 21.82
N LEU A 257 -5.17 15.09 20.57
CA LEU A 257 -4.56 14.03 19.80
C LEU A 257 -3.07 13.87 20.07
N ASN A 258 -2.53 12.79 19.54
CA ASN A 258 -1.13 12.44 19.71
C ASN A 258 -0.66 11.65 18.49
N LYS A 259 -0.34 12.36 17.41
CA LYS A 259 0.12 11.73 16.18
C LYS A 259 1.63 11.57 16.20
N GLY A 260 2.13 10.53 15.53
CA GLY A 260 3.57 10.29 15.48
C GLY A 260 4.07 10.44 14.05
N SER A 261 3.51 9.63 13.15
CA SER A 261 3.85 9.65 11.72
C SER A 261 2.58 9.91 10.92
N ASP A 262 2.65 9.69 9.62
CA ASP A 262 1.48 9.92 8.79
C ASP A 262 1.27 8.82 7.76
N SER A 263 0.02 8.38 7.63
CA SER A 263 -0.34 7.37 6.65
C SER A 263 -1.27 8.05 5.66
N GLY A 264 -2.48 7.52 5.49
CA GLY A 264 -3.39 8.14 4.54
C GLY A 264 -4.83 7.71 4.72
N ILE A 265 -5.65 8.02 3.72
CA ILE A 265 -7.06 7.68 3.76
C ILE A 265 -7.45 6.75 2.63
N ILE A 266 -7.74 5.49 2.98
CA ILE A 266 -8.17 4.52 2.00
C ILE A 266 -9.65 4.77 1.79
N THR A 267 -10.09 4.67 0.56
CA THR A 267 -11.50 4.87 0.30
C THR A 267 -12.02 3.66 -0.48
N SER A 268 -12.71 2.76 0.23
CA SER A 268 -13.27 1.55 -0.35
C SER A 268 -14.44 1.00 0.43
N ASP A 269 -15.24 0.15 -0.22
CA ASP A 269 -16.38 -0.47 0.41
C ASP A 269 -16.07 -1.92 0.77
N ALA A 270 -14.79 -2.23 0.92
CA ALA A 270 -14.39 -3.58 1.28
C ALA A 270 -14.60 -3.75 2.77
N PRO A 271 -15.01 -4.94 3.21
CA PRO A 271 -15.26 -5.26 4.62
C PRO A 271 -14.03 -5.15 5.49
N VAL A 272 -14.21 -4.55 6.67
CA VAL A 272 -13.10 -4.39 7.61
C VAL A 272 -13.11 -5.61 8.53
N HIS A 273 -12.03 -6.37 8.52
CA HIS A 273 -11.92 -7.55 9.38
C HIS A 273 -10.69 -7.47 10.26
N ASN A 274 -10.64 -8.30 11.30
CA ASN A 274 -9.52 -8.27 12.23
C ASN A 274 -8.26 -9.00 11.79
N CYS A 275 -7.82 -8.73 10.58
CA CYS A 275 -6.62 -9.33 10.03
C CYS A 275 -5.52 -8.29 10.13
N ASP A 276 -4.29 -8.65 9.81
CA ASP A 276 -3.20 -7.69 9.88
C ASP A 276 -2.47 -7.62 8.55
N THR A 277 -1.58 -6.65 8.40
CA THR A 277 -0.84 -6.49 7.15
C THR A 277 0.20 -5.36 7.19
N LYS A 278 1.24 -5.49 6.37
CA LYS A 278 2.29 -4.47 6.29
C LYS A 278 1.93 -3.57 5.12
N CYS A 279 1.12 -4.10 4.21
CA CYS A 279 0.67 -3.35 3.04
C CYS A 279 -0.84 -3.47 2.85
N GLN A 280 -1.52 -2.33 2.79
CA GLN A 280 -2.97 -2.28 2.62
C GLN A 280 -3.36 -1.49 1.39
N THR A 281 -4.31 -2.01 0.62
CA THR A 281 -4.80 -1.31 -0.57
C THR A 281 -6.32 -1.18 -0.49
N PRO A 282 -6.92 -0.43 -1.42
CA PRO A 282 -8.36 -0.24 -1.44
C PRO A 282 -9.17 -1.50 -1.70
N HIS A 283 -8.59 -2.46 -2.40
CA HIS A 283 -9.30 -3.70 -2.69
C HIS A 283 -9.10 -4.75 -1.62
N GLY A 284 -8.03 -4.61 -0.85
CA GLY A 284 -7.75 -5.57 0.20
C GLY A 284 -6.27 -5.50 0.52
N ALA A 285 -5.83 -6.29 1.49
CA ALA A 285 -4.41 -6.28 1.85
C ALA A 285 -3.56 -7.06 0.85
N ILE A 286 -2.30 -6.68 0.74
CA ILE A 286 -1.38 -7.32 -0.18
C ILE A 286 -0.34 -8.03 0.67
N ASN A 287 0.41 -8.93 0.05
CA ASN A 287 1.47 -9.65 0.73
C ASN A 287 2.78 -8.92 0.37
N SER A 288 3.54 -8.51 1.37
CA SER A 288 4.77 -7.79 1.12
C SER A 288 6.00 -8.66 0.91
N THR A 289 5.79 -9.91 0.50
CA THR A 289 6.91 -10.83 0.27
C THR A 289 7.58 -10.62 -1.07
N LEU A 290 6.79 -10.51 -2.13
CA LEU A 290 7.33 -10.30 -3.46
C LEU A 290 7.73 -8.86 -3.68
N PRO A 291 8.62 -8.61 -4.65
CA PRO A 291 9.12 -7.27 -4.99
C PRO A 291 8.20 -6.40 -5.85
N PHE A 292 7.19 -7.00 -6.48
CA PHE A 292 6.28 -6.24 -7.31
C PHE A 292 4.81 -6.60 -7.08
N GLN A 293 3.91 -5.70 -7.43
CA GLN A 293 2.48 -5.93 -7.26
C GLN A 293 1.68 -5.16 -8.32
N ASN A 294 0.53 -5.71 -8.71
CA ASN A 294 -0.34 -5.08 -9.70
C ASN A 294 -1.78 -5.00 -9.20
N VAL A 295 -1.94 -5.12 -7.90
CA VAL A 295 -3.26 -5.06 -7.30
C VAL A 295 -3.83 -3.63 -7.32
N HIS A 296 -2.97 -2.63 -7.13
CA HIS A 296 -3.44 -1.24 -7.10
C HIS A 296 -2.31 -0.22 -6.95
N PRO A 297 -2.33 0.87 -7.75
CA PRO A 297 -1.29 1.90 -7.67
C PRO A 297 -1.23 2.60 -6.32
N ILE A 298 -2.39 2.75 -5.69
CA ILE A 298 -2.53 3.41 -4.40
C ILE A 298 -2.49 2.47 -3.21
N THR A 299 -1.40 2.52 -2.46
CA THR A 299 -1.25 1.64 -1.31
C THR A 299 -0.73 2.39 -0.08
N ILE A 300 -0.79 1.71 1.06
CA ILE A 300 -0.32 2.29 2.32
C ILE A 300 0.49 1.27 3.14
N GLY A 301 1.73 1.64 3.44
CA GLY A 301 2.62 0.78 4.20
C GLY A 301 3.89 0.48 3.42
N GLU A 302 4.52 -0.65 3.74
CA GLU A 302 5.72 -1.09 3.04
C GLU A 302 5.19 -2.05 1.98
N CYS A 303 5.00 -1.52 0.79
CA CYS A 303 4.43 -2.29 -0.29
C CYS A 303 5.35 -2.62 -1.44
N PRO A 304 4.98 -3.65 -2.22
CA PRO A 304 5.77 -4.06 -3.38
C PRO A 304 5.59 -2.93 -4.39
N LYS A 305 6.58 -2.66 -5.21
CA LYS A 305 6.44 -1.59 -6.18
C LYS A 305 5.33 -1.92 -7.18
N TYR A 306 4.42 -0.99 -7.40
CA TYR A 306 3.32 -1.23 -8.32
C TYR A 306 3.78 -1.19 -9.76
N VAL A 307 3.40 -2.22 -10.53
CA VAL A 307 3.77 -2.31 -11.95
C VAL A 307 2.58 -2.65 -12.84
N LYS A 308 2.65 -2.22 -14.10
CA LYS A 308 1.57 -2.49 -15.05
C LYS A 308 1.58 -3.92 -15.55
N SER A 309 2.63 -4.69 -15.28
CA SER A 309 2.67 -6.06 -15.78
C SER A 309 1.60 -6.98 -15.17
N THR A 310 1.37 -8.11 -15.84
CA THR A 310 0.39 -9.09 -15.40
C THR A 310 1.07 -10.42 -15.14
N LYS A 311 2.32 -10.53 -15.59
CA LYS A 311 3.09 -11.76 -15.45
C LYS A 311 4.60 -11.56 -15.30
N LEU A 312 5.13 -11.86 -14.13
CA LEU A 312 6.55 -11.77 -13.86
C LEU A 312 6.96 -13.08 -13.20
N ARG A 313 7.00 -14.14 -14.00
CA ARG A 313 7.38 -15.46 -13.51
C ARG A 313 8.86 -15.69 -13.81
N MET A 314 9.60 -16.06 -12.78
CA MET A 314 11.03 -16.28 -12.92
C MET A 314 11.34 -17.77 -12.96
N ALA A 315 12.19 -18.20 -13.89
CA ALA A 315 12.55 -19.60 -14.00
C ALA A 315 13.51 -19.97 -12.87
N THR A 316 13.37 -21.18 -12.34
CA THR A 316 14.26 -21.64 -11.29
C THR A 316 14.82 -23.00 -11.68
N GLY A 317 13.97 -23.79 -12.35
CA GLY A 317 14.37 -25.10 -12.84
C GLY A 317 14.83 -24.95 -14.27
N LEU A 318 14.81 -26.03 -15.06
CA LEU A 318 15.25 -25.92 -16.45
C LEU A 318 14.15 -26.13 -17.47
N ARG A 319 14.53 -26.03 -18.74
CA ARG A 319 13.60 -26.23 -19.85
C ARG A 319 12.95 -27.59 -19.65
N ASN A 320 11.64 -27.66 -19.81
CA ASN A 320 10.95 -28.93 -19.62
C ASN A 320 10.70 -29.62 -20.94
N ILE A 321 11.47 -30.67 -21.20
CA ILE A 321 11.36 -31.45 -22.43
C ILE A 321 11.22 -32.91 -22.05
N PRO A 322 10.01 -33.34 -21.68
CA PRO A 322 9.80 -34.74 -21.31
C PRO A 322 9.62 -35.71 -22.49
N SER A 323 8.63 -36.59 -22.36
CA SER A 323 8.30 -37.59 -23.39
C SER A 323 9.21 -38.82 -23.38
N ILE A 324 8.80 -39.83 -22.61
CA ILE A 324 9.55 -41.09 -22.51
C ILE A 324 8.90 -42.18 -23.38
N GLY B 1 21.54 -25.13 -25.58
CA GLY B 1 21.33 -23.67 -25.36
C GLY B 1 22.56 -22.85 -25.73
N LEU B 2 23.03 -22.02 -24.80
CA LEU B 2 24.20 -21.21 -25.05
C LEU B 2 25.39 -22.17 -25.02
N PHE B 3 25.22 -23.28 -24.33
CA PHE B 3 26.28 -24.29 -24.23
C PHE B 3 25.94 -25.55 -25.02
N GLY B 4 24.86 -25.48 -25.78
CA GLY B 4 24.46 -26.60 -26.62
C GLY B 4 24.07 -27.94 -26.02
N ALA B 5 23.88 -28.01 -24.71
CA ALA B 5 23.47 -29.29 -24.12
C ALA B 5 21.94 -29.45 -24.16
N MET B 6 21.19 -28.66 -23.39
CA MET B 6 19.74 -28.78 -23.40
C MET B 6 19.19 -28.57 -24.78
N ALA B 7 18.29 -29.45 -25.19
CA ALA B 7 17.68 -29.32 -26.51
C ALA B 7 18.78 -29.11 -27.53
N GLY B 8 19.99 -29.54 -27.16
CA GLY B 8 21.12 -29.41 -28.07
C GLY B 8 21.62 -30.80 -28.40
N PHE B 9 22.87 -31.08 -28.04
CA PHE B 9 23.38 -32.40 -28.33
C PHE B 9 22.75 -33.41 -27.38
N ILE B 10 22.10 -32.92 -26.33
CA ILE B 10 21.38 -33.80 -25.40
C ILE B 10 19.93 -33.31 -25.42
N GLU B 11 19.28 -33.51 -26.57
CA GLU B 11 17.89 -33.10 -26.75
C GLU B 11 17.00 -33.89 -25.79
N GLY B 12 15.96 -33.24 -25.26
CA GLY B 12 15.06 -33.95 -24.37
C GLY B 12 15.57 -34.31 -22.99
N GLY B 13 14.66 -34.29 -22.01
CA GLY B 13 15.03 -34.61 -20.64
C GLY B 13 14.41 -35.90 -20.13
N TRP B 14 14.77 -36.27 -18.90
CA TRP B 14 14.30 -37.52 -18.30
C TRP B 14 13.22 -37.40 -17.24
N THR B 15 12.03 -37.91 -17.56
CA THR B 15 10.93 -37.92 -16.61
C THR B 15 11.41 -38.84 -15.50
N GLY B 16 12.11 -39.88 -15.90
CA GLY B 16 12.63 -40.87 -14.98
C GLY B 16 13.49 -40.37 -13.86
N MET B 17 14.44 -39.49 -14.17
CA MET B 17 15.30 -38.97 -13.11
C MET B 17 14.46 -38.06 -12.24
N ILE B 18 14.17 -38.53 -11.04
CA ILE B 18 13.34 -37.78 -10.11
C ILE B 18 14.05 -37.34 -8.84
N ASP B 19 15.36 -37.47 -8.76
CA ASP B 19 16.03 -37.04 -7.53
C ASP B 19 17.05 -35.93 -7.77
N GLY B 20 16.84 -35.14 -8.82
CA GLY B 20 17.77 -34.05 -9.12
C GLY B 20 17.56 -33.37 -10.46
N TRP B 21 18.38 -32.36 -10.74
CA TRP B 21 18.26 -31.64 -12.00
C TRP B 21 19.11 -32.21 -13.11
N TYR B 22 20.35 -32.55 -12.79
CA TYR B 22 21.27 -33.12 -13.76
C TYR B 22 21.73 -34.44 -13.18
N GLY B 23 22.02 -35.40 -14.04
CA GLY B 23 22.47 -36.68 -13.54
C GLY B 23 22.76 -37.68 -14.62
N TYR B 24 22.72 -38.96 -14.27
CA TYR B 24 23.01 -39.98 -15.24
C TYR B 24 21.96 -41.06 -15.37
N HIS B 25 22.20 -41.94 -16.34
CA HIS B 25 21.38 -43.11 -16.60
C HIS B 25 22.31 -44.14 -17.21
N HIS B 26 22.70 -45.13 -16.42
CA HIS B 26 23.59 -46.17 -16.89
C HIS B 26 22.77 -47.37 -17.35
N GLN B 27 23.44 -48.27 -18.06
CA GLN B 27 22.81 -49.48 -18.57
C GLN B 27 23.88 -50.54 -18.80
N ASN B 28 24.03 -51.45 -17.85
CA ASN B 28 25.01 -52.52 -17.99
C ASN B 28 24.25 -53.83 -17.87
N GLU B 29 24.96 -54.93 -18.02
CA GLU B 29 24.36 -56.27 -17.95
C GLU B 29 23.65 -56.60 -16.66
N GLN B 30 23.82 -55.76 -15.64
CA GLN B 30 23.21 -55.99 -14.35
C GLN B 30 21.83 -55.35 -14.19
N GLY B 31 21.57 -54.28 -14.96
CA GLY B 31 20.29 -53.58 -14.88
C GLY B 31 20.49 -52.12 -15.27
N SER B 32 19.46 -51.30 -15.14
CA SER B 32 19.59 -49.88 -15.50
C SER B 32 18.88 -48.95 -14.52
N GLY B 33 19.00 -47.64 -14.78
CA GLY B 33 18.35 -46.66 -13.92
C GLY B 33 18.91 -45.24 -13.96
N TYR B 34 18.16 -44.32 -13.37
CA TYR B 34 18.57 -42.91 -13.31
C TYR B 34 19.10 -42.55 -11.94
N ALA B 35 20.03 -41.61 -11.91
CA ALA B 35 20.62 -41.15 -10.66
C ALA B 35 21.14 -39.75 -10.85
N ALA B 36 20.51 -38.81 -10.16
CA ALA B 36 20.90 -37.42 -10.24
C ALA B 36 22.29 -37.24 -9.63
N ASP B 37 23.12 -36.43 -10.28
CA ASP B 37 24.44 -36.13 -9.75
C ASP B 37 24.11 -35.22 -8.57
N GLN B 38 24.30 -35.71 -7.36
CA GLN B 38 23.96 -34.92 -6.19
C GLN B 38 24.64 -33.59 -5.98
N LYS B 39 25.94 -33.51 -6.19
CA LYS B 39 26.64 -32.24 -5.98
C LYS B 39 26.16 -31.13 -6.90
N SER B 40 26.38 -31.28 -8.21
CA SER B 40 25.98 -30.26 -9.16
C SER B 40 24.51 -29.88 -9.02
N THR B 41 23.68 -30.82 -8.58
CA THR B 41 22.27 -30.53 -8.39
C THR B 41 22.15 -29.63 -7.17
N GLN B 42 22.73 -30.06 -6.05
CA GLN B 42 22.68 -29.27 -4.82
C GLN B 42 23.20 -27.87 -5.04
N ASN B 43 24.34 -27.77 -5.71
CA ASN B 43 24.91 -26.46 -5.96
C ASN B 43 23.95 -25.62 -6.78
N ALA B 44 23.55 -26.10 -7.95
CA ALA B 44 22.62 -25.33 -8.77
C ALA B 44 21.45 -24.87 -7.92
N ILE B 45 20.96 -25.74 -7.03
CA ILE B 45 19.84 -25.39 -6.15
C ILE B 45 20.23 -24.15 -5.33
N ASP B 46 21.32 -24.27 -4.60
CA ASP B 46 21.82 -23.18 -3.77
C ASP B 46 21.94 -21.86 -4.53
N GLY B 47 22.56 -21.89 -5.71
CA GLY B 47 22.72 -20.69 -6.49
C GLY B 47 21.40 -20.07 -6.94
N ILE B 48 20.53 -20.86 -7.53
CA ILE B 48 19.24 -20.35 -7.97
C ILE B 48 18.48 -19.83 -6.75
N THR B 49 18.61 -20.55 -5.64
CA THR B 49 17.96 -20.17 -4.40
C THR B 49 18.46 -18.78 -4.02
N ASN B 50 19.79 -18.65 -4.01
CA ASN B 50 20.42 -17.40 -3.68
C ASN B 50 20.03 -16.32 -4.67
N LYS B 51 19.93 -16.66 -5.95
CA LYS B 51 19.55 -15.68 -6.95
C LYS B 51 18.14 -15.15 -6.67
N VAL B 52 17.19 -16.04 -6.43
CA VAL B 52 15.83 -15.60 -6.16
C VAL B 52 15.83 -14.71 -4.93
N ASN B 53 16.45 -15.19 -3.86
CA ASN B 53 16.51 -14.40 -2.64
C ASN B 53 17.02 -13.00 -2.91
N SER B 54 18.12 -12.89 -3.64
CA SER B 54 18.68 -11.59 -3.96
C SER B 54 17.67 -10.70 -4.65
N ILE B 55 17.09 -11.18 -5.75
CA ILE B 55 16.08 -10.41 -6.48
C ILE B 55 14.95 -9.97 -5.58
N ILE B 56 14.57 -10.80 -4.62
CA ILE B 56 13.49 -10.48 -3.72
C ILE B 56 13.93 -9.60 -2.56
N GLU B 57 14.95 -10.05 -1.85
CA GLU B 57 15.44 -9.34 -0.68
C GLU B 57 16.11 -8.00 -0.96
N LYS B 58 16.69 -7.82 -2.13
CA LYS B 58 17.34 -6.55 -2.43
C LYS B 58 16.34 -5.42 -2.64
N MET B 59 15.06 -5.76 -2.64
CA MET B 59 14.01 -4.76 -2.84
C MET B 59 13.72 -4.01 -1.55
N ASN B 60 14.11 -2.74 -1.51
CA ASN B 60 13.90 -1.89 -0.34
C ASN B 60 12.51 -1.26 -0.42
N THR B 61 11.91 -0.97 0.73
CA THR B 61 10.60 -0.35 0.73
C THR B 61 10.39 0.51 1.97
N GLN B 62 10.10 1.79 1.72
CA GLN B 62 9.86 2.71 2.81
C GLN B 62 8.36 2.66 3.13
N PHE B 63 7.99 2.77 4.40
CA PHE B 63 6.56 2.77 4.73
C PHE B 63 6.04 4.05 4.11
N THR B 64 5.07 3.95 3.19
CA THR B 64 4.52 5.14 2.57
C THR B 64 3.05 4.98 2.14
N ALA B 65 2.40 6.10 1.86
CA ALA B 65 1.01 6.13 1.41
C ALA B 65 1.04 6.92 0.11
N VAL B 66 0.88 6.22 -1.00
CA VAL B 66 0.94 6.87 -2.32
C VAL B 66 -0.03 8.03 -2.55
N GLY B 67 -1.33 7.77 -2.37
CA GLY B 67 -2.34 8.80 -2.59
C GLY B 67 -2.10 10.20 -2.05
N LYS B 68 -2.70 11.21 -2.67
CA LYS B 68 -2.45 12.56 -2.19
C LYS B 68 -3.60 13.54 -1.90
N GLU B 69 -4.64 13.60 -2.74
CA GLU B 69 -5.73 14.55 -2.48
C GLU B 69 -5.41 16.04 -2.67
N PHE B 70 -5.75 16.56 -3.84
CA PHE B 70 -5.54 17.98 -4.14
C PHE B 70 -6.88 18.58 -4.59
N ASN B 71 -7.08 19.89 -4.38
CA ASN B 71 -8.35 20.50 -4.77
C ASN B 71 -8.28 21.17 -6.13
N ASN B 72 -9.45 21.49 -6.68
CA ASN B 72 -9.59 22.10 -8.00
C ASN B 72 -8.67 23.29 -8.33
N LEU B 73 -7.91 23.77 -7.37
CA LEU B 73 -7.00 24.86 -7.66
C LEU B 73 -5.56 24.45 -7.37
N GLU B 74 -5.32 23.15 -7.35
CA GLU B 74 -4.00 22.56 -7.12
C GLU B 74 -3.77 21.50 -8.19
N ARG B 75 -4.38 21.71 -9.35
CA ARG B 75 -4.26 20.81 -10.49
C ARG B 75 -2.80 20.62 -10.91
N ARG B 76 -2.02 21.69 -10.90
CA ARG B 76 -0.63 21.58 -11.31
C ARG B 76 0.16 20.63 -10.43
N ILE B 77 0.09 20.79 -9.11
CA ILE B 77 0.86 19.88 -8.25
C ILE B 77 0.21 18.51 -8.21
N GLU B 78 -1.03 18.43 -8.64
CA GLU B 78 -1.73 17.14 -8.68
C GLU B 78 -1.09 16.41 -9.85
N ASN B 79 -0.98 17.09 -10.99
CA ASN B 79 -0.37 16.52 -12.18
C ASN B 79 1.08 16.17 -11.90
N LEU B 80 1.74 16.97 -11.06
CA LEU B 80 3.14 16.73 -10.70
C LEU B 80 3.20 15.40 -9.95
N ASN B 81 2.30 15.26 -8.99
CA ASN B 81 2.20 14.05 -8.20
C ASN B 81 1.92 12.90 -9.16
N LYS B 82 1.01 13.13 -10.11
CA LYS B 82 0.66 12.13 -11.11
C LYS B 82 1.92 11.71 -11.87
N LYS B 83 2.70 12.70 -12.30
CA LYS B 83 3.95 12.49 -13.04
C LYS B 83 4.92 11.61 -12.25
N VAL B 84 5.01 11.86 -10.94
CA VAL B 84 5.89 11.10 -10.08
C VAL B 84 5.44 9.64 -10.04
N ASP B 85 4.16 9.43 -9.75
CA ASP B 85 3.63 8.07 -9.70
C ASP B 85 3.80 7.35 -11.03
N ASP B 86 3.24 7.87 -12.12
CA ASP B 86 3.41 7.23 -13.41
C ASP B 86 4.91 7.11 -13.69
N GLY B 87 5.69 8.04 -13.14
CA GLY B 87 7.12 8.03 -13.35
C GLY B 87 7.81 6.80 -12.78
N PHE B 88 7.56 6.52 -11.51
CA PHE B 88 8.16 5.37 -10.86
C PHE B 88 7.45 4.10 -11.33
N LEU B 89 6.14 4.22 -11.52
CA LEU B 89 5.34 3.09 -11.95
C LEU B 89 5.73 2.66 -13.35
N ASP B 90 6.52 3.48 -14.03
CA ASP B 90 6.96 3.16 -15.39
C ASP B 90 8.37 2.62 -15.38
N VAL B 91 9.13 3.01 -14.36
CA VAL B 91 10.49 2.57 -14.18
C VAL B 91 10.50 1.12 -13.72
N TRP B 92 9.71 0.83 -12.68
CA TRP B 92 9.63 -0.50 -12.14
C TRP B 92 8.99 -1.51 -13.10
N THR B 93 8.16 -1.01 -14.01
CA THR B 93 7.53 -1.89 -14.98
C THR B 93 8.55 -2.33 -16.02
N TYR B 94 9.35 -1.40 -16.51
CA TYR B 94 10.37 -1.72 -17.51
C TYR B 94 11.43 -2.60 -16.88
N ASN B 95 11.72 -2.36 -15.60
CA ASN B 95 12.72 -3.14 -14.86
C ASN B 95 12.26 -4.54 -14.55
N ALA B 96 11.18 -4.65 -13.80
CA ALA B 96 10.66 -5.96 -13.43
C ALA B 96 10.56 -6.80 -14.70
N GLU B 97 9.98 -6.21 -15.74
CA GLU B 97 9.80 -6.90 -16.99
C GLU B 97 11.13 -7.41 -17.57
N LEU B 98 12.11 -6.52 -17.78
CA LEU B 98 13.40 -6.92 -18.33
C LEU B 98 14.25 -7.74 -17.36
N LEU B 99 14.25 -7.36 -16.08
CA LEU B 99 15.04 -8.10 -15.10
C LEU B 99 14.71 -9.58 -15.21
N VAL B 100 13.42 -9.89 -15.32
CA VAL B 100 13.02 -11.28 -15.45
C VAL B 100 13.46 -11.84 -16.79
N LEU B 101 13.10 -11.18 -17.88
CA LEU B 101 13.49 -11.65 -19.21
C LEU B 101 14.98 -12.00 -19.27
N LEU B 102 15.81 -11.05 -18.85
CA LEU B 102 17.25 -11.21 -18.87
C LEU B 102 17.75 -12.28 -17.90
N GLU B 103 17.18 -12.32 -16.71
CA GLU B 103 17.60 -13.31 -15.72
C GLU B 103 17.14 -14.73 -16.08
N ASN B 104 15.96 -14.84 -16.68
CA ASN B 104 15.44 -16.14 -17.07
C ASN B 104 16.42 -16.73 -18.08
N GLU B 105 16.83 -15.92 -19.04
CA GLU B 105 17.77 -16.35 -20.05
C GLU B 105 19.01 -16.90 -19.32
N ARG B 106 19.52 -16.12 -18.37
CA ARG B 106 20.69 -16.51 -17.59
C ARG B 106 20.49 -17.86 -16.92
N THR B 107 19.40 -18.00 -16.17
CA THR B 107 19.13 -19.25 -15.46
C THR B 107 19.11 -20.46 -16.39
N LEU B 108 18.42 -20.36 -17.52
CA LEU B 108 18.38 -21.47 -18.45
C LEU B 108 19.82 -21.79 -18.86
N ASP B 109 20.56 -20.77 -19.29
CA ASP B 109 21.93 -20.99 -19.70
C ASP B 109 22.74 -21.65 -18.58
N PHE B 110 22.49 -21.25 -17.35
CA PHE B 110 23.17 -21.81 -16.18
C PHE B 110 23.02 -23.31 -16.15
N HIS B 111 21.78 -23.77 -16.24
CA HIS B 111 21.48 -25.20 -16.23
C HIS B 111 22.20 -25.87 -17.40
N ASP B 112 22.00 -25.31 -18.60
CA ASP B 112 22.63 -25.86 -19.79
C ASP B 112 24.13 -26.00 -19.59
N SER B 113 24.73 -24.99 -19.00
CA SER B 113 26.15 -24.98 -18.69
C SER B 113 26.46 -26.12 -17.73
N ASN B 114 25.62 -26.29 -16.72
CA ASN B 114 25.85 -27.34 -15.75
C ASN B 114 25.82 -28.73 -16.35
N VAL B 115 24.91 -28.94 -17.30
CA VAL B 115 24.80 -30.23 -17.96
C VAL B 115 26.05 -30.49 -18.78
N ARG B 116 26.48 -29.48 -19.54
CA ARG B 116 27.66 -29.59 -20.38
C ARG B 116 28.93 -29.82 -19.58
N ASN B 117 29.01 -29.24 -18.39
CA ASN B 117 30.20 -29.43 -17.60
C ASN B 117 30.20 -30.82 -16.97
N LEU B 118 29.01 -31.38 -16.77
CA LEU B 118 28.90 -32.71 -16.19
C LEU B 118 29.27 -33.70 -17.28
N TYR B 119 28.73 -33.46 -18.47
CA TYR B 119 29.02 -34.32 -19.61
C TYR B 119 30.53 -34.32 -19.79
N GLU B 120 31.08 -33.12 -19.93
CA GLU B 120 32.52 -32.97 -20.12
C GLU B 120 33.32 -33.58 -18.97
N LYS B 121 32.74 -33.62 -17.78
CA LYS B 121 33.42 -34.19 -16.62
C LYS B 121 33.64 -35.69 -16.84
N VAL B 122 32.58 -36.35 -17.28
CA VAL B 122 32.63 -37.79 -17.57
C VAL B 122 33.53 -38.01 -18.77
N LYS B 123 33.17 -37.45 -19.92
CA LYS B 123 33.98 -37.59 -21.14
C LYS B 123 35.46 -37.48 -20.84
N SER B 124 35.78 -36.80 -19.74
CA SER B 124 37.15 -36.63 -19.34
C SER B 124 37.65 -37.96 -18.81
N GLN B 125 37.07 -38.41 -17.69
CA GLN B 125 37.46 -39.68 -17.08
C GLN B 125 37.58 -40.86 -18.05
N LEU B 126 36.47 -41.17 -18.73
CA LEU B 126 36.43 -42.27 -19.68
C LEU B 126 37.49 -42.12 -20.76
N ARG B 127 37.31 -41.13 -21.63
CA ARG B 127 38.28 -40.88 -22.69
C ARG B 127 38.25 -41.95 -23.76
N ASN B 128 39.23 -42.86 -23.74
CA ASN B 128 39.30 -43.91 -24.75
C ASN B 128 38.53 -45.17 -24.38
N ASN B 129 38.25 -45.34 -23.10
CA ASN B 129 37.54 -46.52 -22.67
C ASN B 129 36.04 -46.42 -22.90
N ALA B 130 35.66 -45.62 -23.88
CA ALA B 130 34.26 -45.45 -24.20
C ALA B 130 34.15 -44.66 -25.48
N LYS B 131 33.08 -44.87 -26.22
CA LYS B 131 32.85 -44.16 -27.47
C LYS B 131 31.72 -43.17 -27.25
N GLU B 132 31.87 -41.97 -27.81
CA GLU B 132 30.83 -40.97 -27.67
C GLU B 132 29.76 -41.09 -28.72
N ILE B 133 28.55 -41.38 -28.28
CA ILE B 133 27.39 -41.47 -29.15
C ILE B 133 26.78 -40.07 -28.99
N GLY B 134 27.06 -39.18 -29.93
CA GLY B 134 26.57 -37.80 -29.85
C GLY B 134 25.14 -37.54 -29.40
N ASN B 135 24.75 -38.09 -28.25
CA ASN B 135 23.40 -37.92 -27.71
C ASN B 135 23.47 -37.79 -26.20
N GLY B 136 24.67 -37.54 -25.70
CA GLY B 136 24.87 -37.39 -24.26
C GLY B 136 25.21 -38.71 -23.60
N CYS B 137 25.62 -39.69 -24.41
CA CYS B 137 25.96 -41.00 -23.88
C CYS B 137 27.35 -41.48 -24.17
N PHE B 138 27.81 -42.44 -23.39
CA PHE B 138 29.12 -43.05 -23.57
C PHE B 138 28.92 -44.55 -23.54
N GLU B 139 29.60 -45.28 -24.42
CA GLU B 139 29.49 -46.73 -24.45
C GLU B 139 30.84 -47.34 -24.15
N PHE B 140 31.04 -47.77 -22.92
CA PHE B 140 32.31 -48.35 -22.52
C PHE B 140 32.80 -49.45 -23.45
N TYR B 141 34.06 -49.32 -23.87
CA TYR B 141 34.67 -50.32 -24.74
C TYR B 141 34.91 -51.57 -23.91
N HIS B 142 34.61 -51.47 -22.62
CA HIS B 142 34.79 -52.58 -21.71
C HIS B 142 33.52 -52.85 -20.91
N LYS B 143 33.61 -53.78 -19.97
CA LYS B 143 32.47 -54.09 -19.12
C LYS B 143 32.57 -53.15 -17.94
N CYS B 144 31.44 -52.57 -17.56
CA CYS B 144 31.41 -51.65 -16.45
C CYS B 144 30.27 -52.05 -15.55
N ASP B 145 30.58 -52.81 -14.51
CA ASP B 145 29.55 -53.26 -13.58
C ASP B 145 29.13 -52.11 -12.69
N ASP B 146 28.22 -52.37 -11.77
CA ASP B 146 27.73 -51.31 -10.90
C ASP B 146 28.78 -50.58 -10.08
N GLU B 147 29.82 -51.28 -9.65
CA GLU B 147 30.86 -50.62 -8.87
C GLU B 147 31.53 -49.66 -9.85
N CYS B 148 31.78 -50.14 -11.07
CA CYS B 148 32.40 -49.32 -12.10
C CYS B 148 31.51 -48.11 -12.42
N MET B 149 30.21 -48.34 -12.59
CA MET B 149 29.28 -47.26 -12.89
C MET B 149 29.32 -46.22 -11.78
N GLU B 150 29.31 -46.70 -10.54
CA GLU B 150 29.37 -45.81 -9.40
C GLU B 150 30.67 -45.01 -9.49
N SER B 151 31.76 -45.72 -9.77
CA SER B 151 33.07 -45.13 -9.91
C SER B 151 33.04 -43.85 -10.73
N VAL B 152 32.60 -43.95 -11.97
CA VAL B 152 32.52 -42.78 -12.85
C VAL B 152 31.60 -41.70 -12.28
N LYS B 153 30.53 -42.09 -11.59
CA LYS B 153 29.63 -41.08 -11.01
C LYS B 153 30.32 -40.28 -9.91
N ASN B 154 30.97 -40.96 -8.96
CA ASN B 154 31.66 -40.24 -7.89
C ASN B 154 33.05 -39.78 -8.32
N GLY B 155 33.21 -39.60 -9.63
CA GLY B 155 34.47 -39.14 -10.20
C GLY B 155 35.75 -39.93 -9.97
N THR B 156 35.66 -41.19 -9.56
CA THR B 156 36.87 -41.97 -9.31
C THR B 156 37.13 -43.08 -10.32
N TYR B 157 36.86 -42.82 -11.59
CA TYR B 157 37.05 -43.82 -12.65
C TYR B 157 38.53 -44.13 -12.94
N ASP B 158 38.83 -45.43 -13.04
CA ASP B 158 40.19 -45.93 -13.26
C ASP B 158 40.85 -45.76 -14.63
N TYR B 159 42.14 -46.13 -14.67
CA TYR B 159 43.00 -46.04 -15.86
C TYR B 159 42.23 -45.84 -17.16
N PRO B 160 42.34 -44.63 -17.72
CA PRO B 160 41.68 -44.24 -18.98
C PRO B 160 42.61 -44.28 -20.19
#